data_5SYT
#
_entry.id   5SYT
#
_cell.length_a   149.455
_cell.length_b   84.560
_cell.length_c   76.885
_cell.angle_alpha   90.000
_cell.angle_beta   119.070
_cell.angle_gamma   90.000
#
_symmetry.space_group_name_H-M   'C 1 2 1'
#
loop_
_entity.id
_entity.type
_entity.pdbx_description
1 polymer 'CAAX prenyl protease 1 homolog'
2 non-polymer 'SULFATE ION'
3 non-polymer 1,2-DIACYL-SN-GLYCERO-3-PHOSPHOCHOLINE
4 non-polymer 'PENTAETHYLENE GLYCOL MONODECYL ETHER'
5 non-polymer (HYDROXYETHYLOXY)TRI(ETHYLOXY)OCTANE
6 non-polymer 'ZINC ION'
7 non-polymer GLYCEROL
8 non-polymer DI(HYDROXYETHYL)ETHER
9 non-polymer 'DIMETHYL SULFOXIDE'
10 water water
#
_entity_poly.entity_id   1
_entity_poly.type   'polypeptide(L)'
_entity_poly.pdbx_seq_one_letter_code
;MGMWASLDALWEMPAEKRIFGAVLLFSWTVYLWETFLAQRQRRIYKTTTHVPPELGQIMDSETFEKSRLYQLDKSTFSFW
SGLYSETEGTLILLFGGIPYLWRLSGRFCGYAGFGPEYEITQSLVFLLLATLFSALTGLPWSLYNTFVIEEKHGFNQQTL
GFFMKDAIKKFVVTQCILLPVSSLLLYIIKIGGDYFFIYAWLFTLVVSLVLVTIYADYIAPLFDKFTPLPEGKLKEEIEV
MAKSIDFPLTKVYVVEGSKRSSHSNAYFYGFFKNKRIVLFDTLLEEYSVLNKDIQEDSGMEPRNEEEGNSEEIKAKVKNK
KQGCKNEEVLAVLGHELGHWKLGHTVKNIIISQMNSFLCFFLFAVLIGRKELFAAFGFYDSQPTLIGLLIIFQFIFSPYN
EVLSFCLTVLSRRFEFQADAFAKKLGKAKDLYSALIKLNKDNLGFPVSDWLFSMWHYSHPPLLERLQALKTMKQSGLEVL
;
_entity_poly.pdbx_strand_id   A
#
# COMPACT_ATOMS: atom_id res chain seq x y z
N LEU A 10 14.54 -23.81 27.62
CA LEU A 10 14.31 -23.23 26.29
C LEU A 10 15.35 -23.77 25.32
N TRP A 11 16.62 -23.54 25.67
CA TRP A 11 17.71 -24.13 24.92
C TRP A 11 17.41 -25.58 24.58
N GLU A 12 16.94 -26.33 25.59
CA GLU A 12 16.68 -27.76 25.51
C GLU A 12 15.28 -28.09 25.00
N MET A 13 14.46 -27.08 24.74
CA MET A 13 13.19 -27.27 24.06
C MET A 13 13.41 -27.82 22.65
N PRO A 14 12.49 -28.66 22.14
CA PRO A 14 12.65 -29.20 20.78
C PRO A 14 12.59 -28.12 19.71
N ALA A 15 13.39 -28.28 18.66
CA ALA A 15 13.49 -27.22 17.65
C ALA A 15 12.13 -26.83 17.09
N GLU A 16 11.26 -27.80 16.79
CA GLU A 16 9.95 -27.45 16.23
C GLU A 16 9.16 -26.55 17.16
N LYS A 17 9.29 -26.74 18.48
CA LYS A 17 8.62 -25.89 19.45
C LYS A 17 9.28 -24.54 19.55
N ARG A 18 10.61 -24.48 19.47
CA ARG A 18 11.29 -23.20 19.50
C ARG A 18 10.90 -22.36 18.28
N ILE A 19 10.76 -23.01 17.11
CA ILE A 19 10.40 -22.29 15.90
C ILE A 19 9.00 -21.73 16.00
N PHE A 20 8.03 -22.57 16.32
CA PHE A 20 6.67 -22.09 16.43
C PHE A 20 6.57 -20.99 17.49
N GLY A 21 7.08 -21.27 18.67
CA GLY A 21 7.01 -20.29 19.73
C GLY A 21 7.64 -18.96 19.35
N ALA A 22 8.75 -19.00 18.61
CA ALA A 22 9.42 -17.74 18.31
C ALA A 22 8.65 -16.93 17.28
N VAL A 23 7.98 -17.61 16.35
CA VAL A 23 7.19 -16.86 15.38
C VAL A 23 6.02 -16.22 16.09
N LEU A 24 5.39 -16.96 17.00
CA LEU A 24 4.20 -16.42 17.65
C LEU A 24 4.57 -15.31 18.61
N LEU A 25 5.67 -15.46 19.35
CA LEU A 25 6.10 -14.41 20.26
C LEU A 25 6.57 -13.18 19.51
N PHE A 26 7.21 -13.34 18.35
CA PHE A 26 7.58 -12.17 17.56
C PHE A 26 6.35 -11.43 17.08
N SER A 27 5.33 -12.17 16.63
CA SER A 27 4.07 -11.58 16.24
C SER A 27 3.47 -10.70 17.34
N TRP A 28 3.36 -11.27 18.54
CA TRP A 28 2.80 -10.55 19.66
C TRP A 28 3.64 -9.35 20.01
N THR A 29 4.94 -9.50 19.90
CA THR A 29 5.82 -8.37 20.24
C THR A 29 5.62 -7.21 19.29
N VAL A 30 5.61 -7.49 17.99
CA VAL A 30 5.32 -6.44 17.02
C VAL A 30 3.97 -5.83 17.29
N TYR A 31 2.96 -6.67 17.50
CA TYR A 31 1.62 -6.15 17.77
C TYR A 31 1.62 -5.22 18.99
N LEU A 32 2.29 -5.60 20.09
CA LEU A 32 2.30 -4.70 21.25
C LEU A 32 3.05 -3.41 20.95
N TRP A 33 4.15 -3.50 20.18
CA TRP A 33 4.87 -2.29 19.82
C TRP A 33 4.00 -1.35 18.98
N GLU A 34 3.25 -1.92 18.05
CA GLU A 34 2.42 -1.09 17.20
C GLU A 34 1.18 -0.60 17.90
N THR A 35 0.69 -1.32 18.92
CA THR A 35 -0.43 -0.84 19.71
C THR A 35 0.00 0.33 20.58
N PHE A 36 1.16 0.21 21.19
CA PHE A 36 1.80 1.31 21.89
C PHE A 36 1.92 2.57 21.03
N LEU A 37 2.53 2.45 19.86
CA LEU A 37 2.67 3.61 18.96
C LEU A 37 1.32 4.18 18.60
N ALA A 38 0.36 3.33 18.25
CA ALA A 38 -0.94 3.84 17.83
C ALA A 38 -1.58 4.64 18.95
N GLN A 39 -1.42 4.18 20.21
CA GLN A 39 -1.97 4.90 21.35
C GLN A 39 -1.32 6.27 21.48
N ARG A 40 -0.04 6.37 21.22
CA ARG A 40 0.56 7.70 21.35
C ARG A 40 0.01 8.65 20.31
N GLN A 41 -0.31 8.15 19.12
CA GLN A 41 -0.86 9.00 18.07
C GLN A 41 -2.32 9.32 18.36
N ARG A 42 -3.08 8.34 18.85
CA ARG A 42 -4.46 8.58 19.20
C ARG A 42 -4.56 9.64 20.31
N ARG A 43 -3.66 9.57 21.28
CA ARG A 43 -3.61 10.58 22.33
C ARG A 43 -3.50 11.98 21.74
N ILE A 44 -2.71 12.13 20.67
CA ILE A 44 -2.56 13.45 20.09
C ILE A 44 -3.89 13.93 19.51
N TYR A 45 -4.63 13.04 18.86
CA TYR A 45 -5.92 13.45 18.34
C TYR A 45 -6.84 13.89 19.46
N LYS A 46 -6.77 13.20 20.62
CA LYS A 46 -7.70 13.51 21.70
C LYS A 46 -7.30 14.80 22.43
N THR A 47 -6.01 15.08 22.45
CA THR A 47 -5.35 16.12 23.22
C THR A 47 -5.28 17.46 22.48
N THR A 48 -4.90 17.42 21.20
CA THR A 48 -4.59 18.62 20.43
C THR A 48 -5.90 19.15 19.89
N THR A 49 -6.58 19.96 20.69
CA THR A 49 -7.96 20.30 20.43
C THR A 49 -8.15 21.71 19.86
N HIS A 50 -7.10 22.53 19.81
CA HIS A 50 -7.12 23.79 19.06
C HIS A 50 -5.88 23.85 18.17
N VAL A 51 -5.95 24.70 17.14
CA VAL A 51 -4.83 24.78 16.20
C VAL A 51 -3.59 25.29 16.94
N PRO A 52 -2.45 24.61 16.87
CA PRO A 52 -1.22 25.17 17.43
C PRO A 52 -0.83 26.45 16.73
N PRO A 53 0.10 27.22 17.30
CA PRO A 53 0.54 28.46 16.62
C PRO A 53 1.49 28.21 15.47
N GLU A 54 2.17 27.07 15.44
CA GLU A 54 2.99 26.70 14.28
C GLU A 54 2.13 26.44 13.05
N LEU A 55 0.81 26.69 13.14
CA LEU A 55 -0.12 26.21 12.13
C LEU A 55 -1.29 27.15 11.86
N GLY A 56 -1.29 28.37 12.40
CA GLY A 56 -2.42 29.27 12.15
C GLY A 56 -2.66 29.51 10.67
N GLN A 57 -1.60 29.66 9.91
CA GLN A 57 -1.69 29.92 8.47
C GLN A 57 -1.96 28.66 7.64
N ILE A 58 -2.02 27.47 8.24
CA ILE A 58 -2.08 26.23 7.48
C ILE A 58 -3.44 25.54 7.54
N MET A 59 -4.23 25.74 8.60
CA MET A 59 -5.57 25.19 8.69
C MET A 59 -6.42 26.15 9.53
N ASP A 60 -7.67 26.34 9.11
CA ASP A 60 -8.62 27.06 9.92
C ASP A 60 -9.29 26.09 10.90
N SER A 61 -9.99 26.68 11.87
CA SER A 61 -10.44 25.92 13.04
C SER A 61 -11.54 24.95 12.67
N GLU A 62 -12.30 25.25 11.63
CA GLU A 62 -13.36 24.32 11.23
C GLU A 62 -12.78 23.09 10.54
N THR A 63 -11.79 23.27 9.68
CA THR A 63 -11.18 22.12 9.03
C THR A 63 -10.39 21.29 10.04
N PHE A 64 -9.83 21.94 11.06
CA PHE A 64 -9.03 21.26 12.07
C PHE A 64 -9.87 20.29 12.88
N GLU A 65 -11.04 20.75 13.34
CA GLU A 65 -11.91 19.83 14.07
C GLU A 65 -12.39 18.70 13.17
N LYS A 66 -12.71 19.00 11.91
CA LYS A 66 -13.19 17.96 11.00
C LYS A 66 -12.12 16.88 10.78
N SER A 67 -10.84 17.29 10.74
CA SER A 67 -9.75 16.36 10.56
C SER A 67 -9.49 15.57 11.82
N ARG A 68 -9.44 16.25 12.97
CA ARG A 68 -9.28 15.57 14.23
C ARG A 68 -10.35 14.52 14.41
N LEU A 69 -11.60 14.83 14.04
CA LEU A 69 -12.68 13.86 14.26
C LEU A 69 -12.58 12.71 13.29
N TYR A 70 -12.16 12.99 12.03
CA TYR A 70 -11.95 11.94 11.02
C TYR A 70 -10.85 11.00 11.45
N GLN A 71 -9.66 11.57 11.66
CA GLN A 71 -8.54 10.77 12.09
C GLN A 71 -8.82 10.01 13.39
N LEU A 72 -9.63 10.54 14.30
CA LEU A 72 -9.88 9.81 15.53
C LEU A 72 -10.78 8.60 15.28
N ASP A 73 -11.76 8.73 14.38
CA ASP A 73 -12.57 7.58 14.03
C ASP A 73 -11.73 6.49 13.35
N LYS A 74 -10.82 6.89 12.45
CA LYS A 74 -9.95 5.92 11.77
C LYS A 74 -9.04 5.20 12.77
N SER A 75 -8.56 5.92 13.78
CA SER A 75 -7.70 5.37 14.80
C SER A 75 -8.44 4.37 15.66
N THR A 76 -9.67 4.69 16.06
CA THR A 76 -10.48 3.73 16.81
C THR A 76 -10.77 2.49 15.98
N PHE A 77 -11.09 2.66 14.70
CA PHE A 77 -11.33 1.51 13.83
C PHE A 77 -10.07 0.69 13.68
N SER A 78 -8.93 1.35 13.62
CA SER A 78 -7.65 0.68 13.48
C SER A 78 -7.31 -0.17 14.71
N PHE A 79 -7.63 0.31 15.91
CA PHE A 79 -7.40 -0.47 17.11
C PHE A 79 -8.16 -1.79 17.05
N TRP A 80 -9.46 -1.72 16.75
CA TRP A 80 -10.25 -2.94 16.71
C TRP A 80 -9.82 -3.85 15.57
N SER A 81 -9.52 -3.29 14.38
CA SER A 81 -9.08 -4.13 13.29
C SER A 81 -7.80 -4.86 13.62
N GLY A 82 -6.83 -4.15 14.19
CA GLY A 82 -5.58 -4.77 14.52
C GLY A 82 -5.71 -5.76 15.69
N LEU A 83 -6.67 -5.56 16.60
CA LEU A 83 -6.89 -6.57 17.64
C LEU A 83 -7.54 -7.81 17.08
N TYR A 84 -8.54 -7.65 16.21
CA TYR A 84 -9.18 -8.81 15.63
C TYR A 84 -8.18 -9.57 14.77
N SER A 85 -7.39 -8.86 13.99
CA SER A 85 -6.41 -9.51 13.12
C SER A 85 -5.36 -10.28 13.93
N GLU A 86 -4.86 -9.71 15.02
CA GLU A 86 -3.89 -10.46 15.84
C GLU A 86 -4.52 -11.70 16.50
N THR A 87 -5.76 -11.59 16.95
CA THR A 87 -6.44 -12.74 17.53
C THR A 87 -6.70 -13.83 16.50
N GLU A 88 -7.22 -13.48 15.33
CA GLU A 88 -7.50 -14.47 14.29
C GLU A 88 -6.23 -15.21 13.88
N GLY A 89 -5.14 -14.47 13.68
CA GLY A 89 -3.88 -15.11 13.34
C GLY A 89 -3.34 -16.02 14.44
N THR A 90 -3.39 -15.57 15.70
CA THR A 90 -3.00 -16.39 16.85
C THR A 90 -3.81 -17.67 16.90
N LEU A 91 -5.12 -17.58 16.72
CA LEU A 91 -5.96 -18.75 16.83
C LEU A 91 -5.76 -19.73 15.68
N ILE A 92 -5.54 -19.20 14.47
CA ILE A 92 -5.22 -20.06 13.32
C ILE A 92 -3.95 -20.84 13.57
N LEU A 93 -2.92 -20.16 14.03
CA LEU A 93 -1.68 -20.84 14.35
C LEU A 93 -1.84 -21.84 15.49
N LEU A 94 -2.51 -21.45 16.59
CA LEU A 94 -2.55 -22.35 17.73
C LEU A 94 -3.43 -23.56 17.44
N PHE A 95 -4.52 -23.40 16.69
CA PHE A 95 -5.41 -24.54 16.45
C PHE A 95 -5.24 -25.14 15.05
N GLY A 96 -4.13 -24.87 14.39
CA GLY A 96 -3.79 -25.55 13.12
C GLY A 96 -4.71 -25.28 11.95
N GLY A 97 -5.04 -24.02 11.73
CA GLY A 97 -5.98 -23.71 10.66
C GLY A 97 -5.41 -23.97 9.28
N ILE A 98 -4.10 -23.78 9.13
CA ILE A 98 -3.40 -23.94 7.88
C ILE A 98 -3.30 -25.42 7.51
N PRO A 99 -2.86 -26.33 8.39
CA PRO A 99 -2.99 -27.77 8.05
C PRO A 99 -4.44 -28.17 7.81
N TYR A 100 -5.37 -27.63 8.60
CA TYR A 100 -6.78 -27.95 8.36
C TYR A 100 -7.21 -27.58 6.94
N LEU A 101 -6.90 -26.34 6.50
CA LEU A 101 -7.35 -25.88 5.20
C LEU A 101 -6.68 -26.70 4.10
N TRP A 102 -5.40 -27.03 4.29
CA TRP A 102 -4.70 -27.97 3.41
C TRP A 102 -5.45 -29.29 3.29
N ARG A 103 -5.77 -29.95 4.41
CA ARG A 103 -6.47 -31.23 4.32
CA ARG A 103 -6.47 -31.23 4.32
C ARG A 103 -7.84 -31.06 3.69
N LEU A 104 -8.48 -29.92 3.95
CA LEU A 104 -9.77 -29.64 3.32
C LEU A 104 -9.63 -29.50 1.81
N SER A 105 -8.53 -28.94 1.36
CA SER A 105 -8.29 -28.80 -0.07
C SER A 105 -8.05 -30.16 -0.72
N GLY A 106 -7.30 -31.03 -0.03
CA GLY A 106 -7.17 -32.42 -0.49
C GLY A 106 -8.52 -33.12 -0.62
N ARG A 107 -9.43 -32.85 0.31
CA ARG A 107 -10.74 -33.49 0.26
C ARG A 107 -11.51 -33.06 -0.99
N PHE A 108 -11.43 -31.78 -1.36
CA PHE A 108 -12.05 -31.37 -2.61
C PHE A 108 -11.40 -32.07 -3.80
N CYS A 109 -10.08 -32.28 -3.73
CA CYS A 109 -9.36 -32.86 -4.84
C CYS A 109 -9.76 -34.32 -5.07
N GLY A 110 -9.95 -35.09 -4.00
CA GLY A 110 -10.25 -36.49 -4.13
C GLY A 110 -11.69 -36.81 -4.44
N TYR A 111 -12.60 -35.88 -4.19
CA TYR A 111 -13.97 -36.09 -4.65
C TYR A 111 -14.14 -35.63 -6.10
N ALA A 112 -13.12 -34.99 -6.67
CA ALA A 112 -13.05 -34.73 -8.10
C ALA A 112 -12.17 -35.74 -8.84
N GLY A 113 -11.61 -36.72 -8.14
CA GLY A 113 -10.82 -37.77 -8.76
C GLY A 113 -9.33 -37.52 -8.77
N PHE A 114 -8.84 -36.58 -7.98
CA PHE A 114 -7.43 -36.25 -7.88
C PHE A 114 -6.92 -36.70 -6.54
N GLY A 115 -5.93 -37.56 -6.55
CA GLY A 115 -5.36 -38.08 -5.33
C GLY A 115 -4.23 -37.22 -4.86
N PRO A 116 -3.65 -37.56 -3.71
CA PRO A 116 -2.62 -36.72 -3.09
C PRO A 116 -1.39 -36.53 -3.94
N GLU A 117 -1.12 -37.42 -4.90
CA GLU A 117 0.07 -37.25 -5.72
C GLU A 117 0.02 -35.93 -6.48
N TYR A 118 -1.19 -35.40 -6.71
CA TYR A 118 -1.42 -34.13 -7.41
C TYR A 118 -1.29 -32.98 -6.41
N GLU A 119 -0.05 -32.70 -6.04
CA GLU A 119 0.25 -31.70 -5.04
C GLU A 119 -0.02 -30.28 -5.57
N ILE A 120 0.48 -29.93 -6.77
CA ILE A 120 0.20 -28.58 -7.27
C ILE A 120 -1.29 -28.35 -7.36
N THR A 121 -2.05 -29.34 -7.84
CA THR A 121 -3.50 -29.17 -7.89
C THR A 121 -4.07 -28.82 -6.51
N GLN A 122 -3.69 -29.61 -5.49
CA GLN A 122 -4.15 -29.34 -4.14
C GLN A 122 -3.67 -27.96 -3.67
N SER A 123 -2.43 -27.61 -3.99
CA SER A 123 -1.94 -26.27 -3.71
C SER A 123 -2.79 -25.17 -4.35
N LEU A 124 -3.30 -25.39 -5.54
CA LEU A 124 -4.07 -24.32 -6.16
C LEU A 124 -5.42 -24.18 -5.50
N VAL A 125 -6.02 -25.30 -5.09
CA VAL A 125 -7.23 -25.28 -4.29
C VAL A 125 -7.00 -24.54 -2.98
N PHE A 126 -5.90 -24.84 -2.30
CA PHE A 126 -5.54 -24.13 -1.06
C PHE A 126 -5.39 -22.64 -1.32
N LEU A 127 -4.70 -22.26 -2.39
CA LEU A 127 -4.56 -20.84 -2.74
C LEU A 127 -5.92 -20.19 -2.95
N LEU A 128 -6.84 -20.88 -3.61
CA LEU A 128 -8.15 -20.30 -3.79
C LEU A 128 -8.87 -20.10 -2.45
N LEU A 129 -8.93 -21.15 -1.63
CA LEU A 129 -9.66 -21.08 -0.36
C LEU A 129 -9.02 -20.09 0.61
N ALA A 130 -7.70 -20.05 0.67
CA ALA A 130 -7.01 -19.14 1.56
C ALA A 130 -7.30 -17.69 1.20
N THR A 131 -7.24 -17.37 -0.09
CA THR A 131 -7.55 -16.02 -0.51
C THR A 131 -9.04 -15.73 -0.37
N LEU A 132 -9.91 -16.71 -0.58
CA LEU A 132 -11.33 -16.49 -0.34
C LEU A 132 -11.59 -16.21 1.14
N PHE A 133 -11.06 -17.06 2.03
CA PHE A 133 -11.21 -16.87 3.46
C PHE A 133 -10.76 -15.47 3.86
N SER A 134 -9.57 -15.08 3.46
CA SER A 134 -9.12 -13.75 3.78
C SER A 134 -10.02 -12.67 3.16
N ALA A 135 -10.48 -12.88 1.92
CA ALA A 135 -11.40 -11.90 1.33
C ALA A 135 -12.69 -11.82 2.15
N LEU A 136 -13.22 -12.95 2.56
CA LEU A 136 -14.45 -12.92 3.31
C LEU A 136 -14.26 -12.31 4.70
N THR A 137 -13.18 -12.63 5.41
CA THR A 137 -13.07 -12.06 6.74
C THR A 137 -12.73 -10.58 6.68
N GLY A 138 -12.15 -10.10 5.60
CA GLY A 138 -11.92 -8.67 5.44
C GLY A 138 -13.17 -7.87 5.11
N LEU A 139 -14.23 -8.55 4.66
CA LEU A 139 -15.36 -7.83 4.07
C LEU A 139 -16.15 -7.02 5.10
N PRO A 140 -16.50 -7.55 6.26
CA PRO A 140 -17.20 -6.73 7.26
C PRO A 140 -16.45 -5.45 7.58
N TRP A 141 -15.14 -5.55 7.73
CA TRP A 141 -14.34 -4.39 8.06
C TRP A 141 -14.32 -3.37 6.94
N SER A 142 -14.13 -3.82 5.70
CA SER A 142 -14.10 -2.91 4.56
C SER A 142 -15.46 -2.23 4.35
N LEU A 143 -16.54 -2.97 4.55
CA LEU A 143 -17.86 -2.35 4.45
C LEU A 143 -18.04 -1.27 5.51
N TYR A 144 -17.68 -1.58 6.76
CA TYR A 144 -17.81 -0.59 7.81
C TYR A 144 -16.97 0.63 7.52
N ASN A 145 -15.74 0.45 7.05
CA ASN A 145 -14.90 1.62 6.78
C ASN A 145 -15.47 2.46 5.64
N THR A 146 -16.00 1.80 4.62
CA THR A 146 -16.50 2.53 3.47
C THR A 146 -17.85 3.18 3.76
N PHE A 147 -18.79 2.43 4.32
CA PHE A 147 -20.15 2.89 4.42
C PHE A 147 -20.52 3.49 5.78
N VAL A 148 -19.64 3.41 6.77
CA VAL A 148 -19.85 4.13 8.03
C VAL A 148 -18.82 5.25 8.13
N ILE A 149 -17.53 4.90 8.22
CA ILE A 149 -16.53 5.92 8.51
C ILE A 149 -16.46 6.91 7.36
N GLU A 150 -16.22 6.40 6.15
CA GLU A 150 -16.04 7.27 4.99
C GLU A 150 -17.33 8.00 4.64
N GLU A 151 -18.48 7.35 4.83
CA GLU A 151 -19.76 8.01 4.59
C GLU A 151 -19.95 9.15 5.58
N LYS A 152 -19.69 8.88 6.85
CA LYS A 152 -19.90 9.84 7.92
C LYS A 152 -19.08 11.10 7.71
N HIS A 153 -17.84 10.97 7.27
CA HIS A 153 -17.01 12.15 7.12
C HIS A 153 -17.01 12.76 5.73
N GLY A 154 -17.89 12.32 4.83
CA GLY A 154 -18.16 13.01 3.58
C GLY A 154 -17.39 12.54 2.37
N PHE A 155 -16.64 11.44 2.47
CA PHE A 155 -15.78 10.99 1.38
C PHE A 155 -16.40 9.92 0.47
N ASN A 156 -17.19 8.99 0.98
CA ASN A 156 -17.63 7.87 0.14
C ASN A 156 -18.56 8.40 -0.92
N GLN A 157 -18.39 7.91 -2.14
CA GLN A 157 -19.30 8.21 -3.22
C GLN A 157 -19.97 7.00 -3.82
N GLN A 158 -19.71 5.80 -3.33
CA GLN A 158 -20.21 4.63 -4.03
C GLN A 158 -21.37 3.99 -3.30
N THR A 159 -22.19 3.28 -4.07
CA THR A 159 -23.25 2.45 -3.52
C THR A 159 -22.74 1.06 -3.11
N LEU A 160 -23.59 0.34 -2.40
CA LEU A 160 -23.22 -1.00 -2.00
C LEU A 160 -23.09 -1.89 -3.21
N GLY A 161 -23.94 -1.66 -4.22
CA GLY A 161 -23.89 -2.50 -5.41
C GLY A 161 -22.61 -2.32 -6.20
N PHE A 162 -22.14 -1.08 -6.32
CA PHE A 162 -20.83 -0.81 -6.90
C PHE A 162 -19.74 -1.49 -6.09
N PHE A 163 -19.83 -1.41 -4.77
CA PHE A 163 -18.81 -1.96 -3.89
C PHE A 163 -18.68 -3.45 -4.08
N MET A 164 -19.81 -4.17 -4.13
CA MET A 164 -19.78 -5.61 -4.27
C MET A 164 -19.40 -6.03 -5.69
N LYS A 165 -19.90 -5.33 -6.71
CA LYS A 165 -19.45 -5.61 -8.07
C LYS A 165 -17.94 -5.51 -8.13
N ASP A 166 -17.41 -4.41 -7.60
CA ASP A 166 -15.99 -4.17 -7.61
C ASP A 166 -15.22 -5.28 -6.88
N ALA A 167 -15.73 -5.72 -5.72
CA ALA A 167 -15.00 -6.69 -4.90
C ALA A 167 -14.90 -8.05 -5.59
N ILE A 168 -16.00 -8.50 -6.17
CA ILE A 168 -16.01 -9.74 -6.90
C ILE A 168 -15.07 -9.69 -8.11
N LYS A 169 -15.09 -8.58 -8.87
CA LYS A 169 -14.24 -8.46 -10.03
C LYS A 169 -12.77 -8.47 -9.65
N LYS A 170 -12.41 -7.76 -8.60
CA LYS A 170 -11.04 -7.79 -8.15
C LYS A 170 -10.64 -9.21 -7.73
N PHE A 171 -11.56 -9.94 -7.07
CA PHE A 171 -11.23 -11.28 -6.62
C PHE A 171 -11.04 -12.24 -7.80
N VAL A 172 -11.95 -12.18 -8.79
CA VAL A 172 -11.86 -13.00 -9.98
C VAL A 172 -10.61 -12.70 -10.76
N VAL A 173 -10.34 -11.43 -11.02
CA VAL A 173 -9.18 -11.11 -11.83
C VAL A 173 -7.90 -11.57 -11.13
N THR A 174 -7.86 -11.41 -9.83
CA THR A 174 -6.73 -11.90 -9.06
C THR A 174 -6.52 -13.40 -9.27
N GLN A 175 -7.60 -14.18 -9.27
CA GLN A 175 -7.46 -15.62 -9.41
C GLN A 175 -7.03 -15.96 -10.81
N CYS A 176 -7.55 -15.24 -11.80
CA CYS A 176 -7.19 -15.51 -13.18
C CYS A 176 -5.69 -15.40 -13.40
N ILE A 177 -5.05 -14.47 -12.72
CA ILE A 177 -3.61 -14.34 -12.84
C ILE A 177 -2.88 -15.24 -11.84
N LEU A 178 -3.40 -15.30 -10.61
CA LEU A 178 -2.65 -15.90 -9.53
C LEU A 178 -2.45 -17.39 -9.75
N LEU A 179 -3.52 -18.11 -10.09
CA LEU A 179 -3.43 -19.57 -10.15
C LEU A 179 -2.54 -20.05 -11.27
N PRO A 180 -2.69 -19.61 -12.52
CA PRO A 180 -1.75 -20.09 -13.55
C PRO A 180 -0.31 -19.76 -13.21
N VAL A 181 -0.04 -18.53 -12.78
CA VAL A 181 1.31 -18.16 -12.42
C VAL A 181 1.82 -19.03 -11.28
N SER A 182 0.93 -19.38 -10.33
CA SER A 182 1.34 -20.21 -9.19
C SER A 182 1.62 -21.63 -9.63
N SER A 183 0.83 -22.18 -10.56
CA SER A 183 1.15 -23.55 -10.98
C SER A 183 2.53 -23.61 -11.60
N LEU A 184 2.92 -22.59 -12.37
CA LEU A 184 4.22 -22.62 -13.06
C LEU A 184 5.35 -22.40 -12.09
N LEU A 185 5.23 -21.41 -11.22
CA LEU A 185 6.28 -21.15 -10.25
C LEU A 185 6.54 -22.37 -9.38
N LEU A 186 5.47 -23.08 -9.00
CA LEU A 186 5.63 -24.28 -8.18
C LEU A 186 6.32 -25.38 -8.98
N TYR A 187 5.95 -25.48 -10.26
CA TYR A 187 6.60 -26.46 -11.13
C TYR A 187 8.09 -26.13 -11.27
N ILE A 188 8.39 -24.90 -11.57
CA ILE A 188 9.79 -24.50 -11.68
C ILE A 188 10.53 -24.87 -10.43
N ILE A 189 9.96 -24.55 -9.26
CA ILE A 189 10.66 -24.90 -8.03
C ILE A 189 10.95 -26.39 -8.00
N LYS A 190 9.94 -27.21 -8.27
CA LYS A 190 10.11 -28.65 -8.21
C LYS A 190 11.15 -29.19 -9.20
N ILE A 191 11.27 -28.60 -10.38
CA ILE A 191 12.03 -29.19 -11.49
C ILE A 191 13.45 -28.59 -11.65
N GLY A 192 13.81 -27.49 -10.97
CA GLY A 192 15.19 -27.00 -11.06
C GLY A 192 16.09 -27.73 -10.08
N GLY A 193 16.95 -26.99 -9.39
CA GLY A 193 17.58 -27.54 -8.19
C GLY A 193 18.82 -28.20 -8.73
N ASP A 194 19.97 -28.06 -8.10
CA ASP A 194 20.09 -27.36 -6.86
C ASP A 194 20.02 -25.86 -7.04
N TYR A 195 19.90 -25.38 -8.29
CA TYR A 195 19.83 -23.95 -8.55
C TYR A 195 18.43 -23.49 -8.94
N PHE A 196 17.40 -24.25 -8.53
CA PHE A 196 16.03 -23.89 -8.86
C PHE A 196 15.72 -22.43 -8.49
N PHE A 197 16.37 -21.90 -7.44
CA PHE A 197 15.99 -20.58 -6.95
C PHE A 197 16.36 -19.46 -7.90
N ILE A 198 17.35 -19.67 -8.77
CA ILE A 198 17.64 -18.67 -9.80
C ILE A 198 16.50 -18.60 -10.80
N TYR A 199 15.99 -19.75 -11.22
CA TYR A 199 14.90 -19.78 -12.20
C TYR A 199 13.58 -19.36 -11.58
N ALA A 200 13.37 -19.68 -10.31
CA ALA A 200 12.24 -19.16 -9.56
C ALA A 200 12.29 -17.63 -9.52
N TRP A 201 13.46 -17.08 -9.22
CA TRP A 201 13.62 -15.64 -9.18
C TRP A 201 13.41 -15.01 -10.54
N LEU A 202 14.03 -15.58 -11.58
CA LEU A 202 13.89 -15.04 -12.92
C LEU A 202 12.44 -15.08 -13.38
N PHE A 203 11.74 -16.19 -13.12
CA PHE A 203 10.34 -16.25 -13.52
C PHE A 203 9.52 -15.16 -12.81
N THR A 204 9.75 -14.94 -11.50
CA THR A 204 8.93 -13.92 -10.84
C THR A 204 9.27 -12.53 -11.34
N LEU A 205 10.54 -12.29 -11.68
CA LEU A 205 10.90 -11.04 -12.31
C LEU A 205 10.16 -10.81 -13.63
N VAL A 206 10.04 -11.85 -14.45
CA VAL A 206 9.42 -11.72 -15.77
C VAL A 206 7.93 -11.53 -15.62
N VAL A 207 7.33 -12.28 -14.71
CA VAL A 207 5.90 -12.09 -14.42
C VAL A 207 5.67 -10.67 -13.94
N SER A 208 6.52 -10.20 -13.03
CA SER A 208 6.37 -8.85 -12.49
C SER A 208 6.47 -7.82 -13.60
N LEU A 209 7.43 -8.01 -14.50
CA LEU A 209 7.61 -7.11 -15.63
C LEU A 209 6.41 -7.11 -16.57
N VAL A 210 5.93 -8.30 -16.93
CA VAL A 210 4.76 -8.39 -17.81
C VAL A 210 3.59 -7.66 -17.17
N LEU A 211 3.26 -8.02 -15.93
CA LEU A 211 2.11 -7.44 -15.22
C LEU A 211 2.19 -5.94 -15.20
N VAL A 212 3.36 -5.41 -14.89
CA VAL A 212 3.47 -3.97 -14.81
C VAL A 212 3.32 -3.35 -16.21
N THR A 213 3.75 -4.07 -17.24
CA THR A 213 3.71 -3.54 -18.59
C THR A 213 2.29 -3.56 -19.16
N ILE A 214 1.50 -4.57 -18.82
CA ILE A 214 0.13 -4.60 -19.31
C ILE A 214 -0.91 -3.94 -18.43
N TYR A 215 -0.56 -3.55 -17.21
CA TYR A 215 -1.58 -3.14 -16.24
C TYR A 215 -2.37 -1.93 -16.77
N ALA A 216 -1.68 -0.90 -17.23
CA ALA A 216 -2.38 0.33 -17.66
C ALA A 216 -3.48 0.06 -18.69
N ASP A 217 -3.17 -0.72 -19.74
CA ASP A 217 -4.11 -0.90 -20.84
C ASP A 217 -5.16 -1.97 -20.61
N TYR A 218 -4.82 -3.03 -19.88
CA TYR A 218 -5.59 -4.24 -19.89
C TYR A 218 -6.20 -4.63 -18.55
N ILE A 219 -5.71 -4.11 -17.43
CA ILE A 219 -6.26 -4.43 -16.12
C ILE A 219 -6.95 -3.19 -15.49
N ALA A 220 -6.21 -2.10 -15.35
CA ALA A 220 -6.78 -0.87 -14.77
C ALA A 220 -8.12 -0.45 -15.35
N PRO A 221 -8.38 -0.51 -16.67
CA PRO A 221 -9.70 -0.04 -17.17
C PRO A 221 -10.86 -0.95 -16.81
N LEU A 222 -10.59 -2.14 -16.30
CA LEU A 222 -11.67 -2.97 -15.77
C LEU A 222 -12.28 -2.37 -14.50
N PHE A 223 -11.51 -1.56 -13.78
CA PHE A 223 -11.92 -1.07 -12.46
C PHE A 223 -12.13 0.43 -12.36
N ASP A 224 -11.72 1.21 -13.36
CA ASP A 224 -11.83 2.65 -13.27
C ASP A 224 -11.97 3.23 -14.66
N LYS A 225 -12.59 4.39 -14.73
CA LYS A 225 -12.80 5.10 -16.00
C LYS A 225 -11.67 6.09 -16.22
N PHE A 226 -10.99 5.98 -17.34
CA PHE A 226 -9.91 6.90 -17.70
C PHE A 226 -10.35 7.69 -18.92
N THR A 227 -10.07 8.99 -18.93
CA THR A 227 -10.43 9.85 -20.05
C THR A 227 -9.30 10.83 -20.29
N PRO A 228 -9.08 11.25 -21.55
CA PRO A 228 -8.01 12.23 -21.79
C PRO A 228 -8.30 13.55 -21.11
N LEU A 229 -7.24 14.18 -20.64
CA LEU A 229 -7.36 15.49 -20.06
C LEU A 229 -7.90 16.43 -21.15
N PRO A 230 -8.88 17.28 -20.87
CA PRO A 230 -9.42 18.13 -21.94
C PRO A 230 -8.43 19.21 -22.34
N GLU A 231 -8.57 19.67 -23.59
CA GLU A 231 -7.74 20.75 -24.06
C GLU A 231 -7.96 21.96 -23.17
N GLY A 232 -6.89 22.64 -22.83
CA GLY A 232 -6.99 23.89 -22.10
C GLY A 232 -5.63 24.31 -21.62
N LYS A 233 -5.63 25.28 -20.70
CA LYS A 233 -4.39 25.86 -20.17
C LYS A 233 -3.57 24.85 -19.37
N LEU A 234 -4.21 23.95 -18.63
CA LEU A 234 -3.41 22.97 -17.84
C LEU A 234 -2.73 21.95 -18.76
N LYS A 235 -3.47 21.42 -19.73
CA LYS A 235 -2.82 20.47 -20.65
C LYS A 235 -1.56 21.05 -21.28
N GLU A 236 -1.56 22.33 -21.63
CA GLU A 236 -0.41 22.89 -22.32
C GLU A 236 0.75 23.16 -21.38
N GLU A 237 0.48 23.61 -20.15
CA GLU A 237 1.62 23.85 -19.25
C GLU A 237 2.29 22.53 -18.84
N ILE A 238 1.51 21.45 -18.73
CA ILE A 238 2.11 20.13 -18.46
C ILE A 238 3.09 19.75 -19.56
N GLU A 239 2.70 19.94 -20.82
CA GLU A 239 3.55 19.66 -21.97
C GLU A 239 4.83 20.48 -21.94
N VAL A 240 4.71 21.78 -21.66
CA VAL A 240 5.89 22.64 -21.52
C VAL A 240 6.81 22.10 -20.45
N MET A 241 6.27 21.84 -19.26
CA MET A 241 7.10 21.34 -18.17
C MET A 241 7.79 20.03 -18.55
N ALA A 242 7.03 19.09 -19.12
CA ALA A 242 7.61 17.80 -19.48
C ALA A 242 8.78 17.96 -20.47
N LYS A 243 8.59 18.75 -21.53
CA LYS A 243 9.71 19.08 -22.41
C LYS A 243 10.87 19.67 -21.62
N SER A 244 10.59 20.66 -20.77
CA SER A 244 11.65 21.34 -20.03
C SER A 244 12.61 20.37 -19.33
N ILE A 245 12.14 19.18 -18.95
CA ILE A 245 13.00 18.21 -18.28
C ILE A 245 13.27 17.00 -19.16
N ASP A 246 12.98 17.10 -20.46
CA ASP A 246 13.19 15.98 -21.36
C ASP A 246 12.33 14.80 -20.98
N PHE A 247 11.20 15.03 -20.33
CA PHE A 247 10.29 13.94 -20.04
C PHE A 247 9.49 13.65 -21.30
N PRO A 248 9.57 12.43 -21.88
CA PRO A 248 8.86 12.09 -23.12
C PRO A 248 7.37 11.88 -22.90
N LEU A 249 6.70 12.94 -22.42
CA LEU A 249 5.27 12.87 -22.18
C LEU A 249 4.51 12.44 -23.43
N THR A 250 3.60 11.49 -23.24
CA THR A 250 2.78 11.00 -24.33
C THR A 250 1.33 11.52 -24.23
N LYS A 251 0.56 11.09 -23.24
CA LYS A 251 -0.82 11.51 -23.08
C LYS A 251 -1.08 11.75 -21.60
N VAL A 252 -1.97 12.70 -21.32
CA VAL A 252 -2.41 12.98 -19.96
C VAL A 252 -3.84 12.48 -19.85
N TYR A 253 -4.09 11.67 -18.85
CA TYR A 253 -5.40 11.09 -18.60
C TYR A 253 -5.87 11.55 -17.22
N VAL A 254 -7.19 11.54 -17.05
CA VAL A 254 -7.85 11.80 -15.78
C VAL A 254 -8.61 10.53 -15.45
N VAL A 255 -8.39 10.02 -14.24
CA VAL A 255 -9.11 8.85 -13.75
C VAL A 255 -10.23 9.36 -12.88
N GLU A 256 -11.43 8.83 -13.11
CA GLU A 256 -12.60 9.29 -12.40
C GLU A 256 -12.65 8.58 -11.04
N GLY A 257 -11.70 8.97 -10.17
CA GLY A 257 -11.70 8.53 -8.78
C GLY A 257 -12.98 8.86 -8.02
N SER A 258 -13.61 9.98 -8.35
CA SER A 258 -14.87 10.40 -7.76
C SER A 258 -16.00 9.38 -7.90
N LYS A 259 -15.87 8.39 -8.77
CA LYS A 259 -16.83 7.27 -8.76
C LYS A 259 -16.76 6.51 -7.44
N ARG A 260 -15.62 6.55 -6.77
CA ARG A 260 -15.41 5.85 -5.51
C ARG A 260 -15.44 6.76 -4.29
N SER A 261 -14.80 7.92 -4.38
CA SER A 261 -14.38 8.67 -3.22
C SER A 261 -14.03 10.09 -3.65
N SER A 262 -14.21 11.07 -2.76
CA SER A 262 -13.71 12.41 -3.07
C SER A 262 -12.25 12.60 -2.67
N HIS A 263 -11.63 11.62 -2.03
CA HIS A 263 -10.20 11.66 -1.73
C HIS A 263 -9.41 11.93 -3.00
N SER A 264 -8.22 12.52 -2.83
CA SER A 264 -7.33 12.89 -3.94
C SER A 264 -5.90 12.42 -3.66
N ASN A 265 -5.28 11.79 -4.67
CA ASN A 265 -3.91 11.25 -4.62
C ASN A 265 -3.21 11.43 -5.96
N LYS A 275 6.25 8.21 -20.79
CA LYS A 275 5.10 7.40 -20.41
C LYS A 275 3.89 8.34 -20.25
N ARG A 276 2.84 7.81 -19.65
CA ARG A 276 1.61 8.53 -19.41
C ARG A 276 1.61 9.22 -18.06
N ILE A 277 0.85 10.28 -17.97
CA ILE A 277 0.51 10.90 -16.70
C ILE A 277 -0.96 10.64 -16.44
N VAL A 278 -1.29 10.19 -15.23
CA VAL A 278 -2.68 10.01 -14.79
C VAL A 278 -2.94 10.91 -13.59
N LEU A 279 -4.02 11.69 -13.63
CA LEU A 279 -4.39 12.60 -12.56
C LEU A 279 -5.79 12.23 -12.09
N PHE A 280 -5.97 12.11 -10.78
CA PHE A 280 -7.32 12.01 -10.23
C PHE A 280 -8.11 13.27 -10.53
N ASP A 281 -9.41 13.08 -10.85
CA ASP A 281 -10.29 14.20 -11.14
C ASP A 281 -10.55 15.04 -9.88
N THR A 282 -10.54 14.39 -8.71
CA THR A 282 -10.64 15.06 -7.43
C THR A 282 -9.41 15.90 -7.10
N LEU A 283 -8.34 15.76 -7.85
CA LEU A 283 -7.21 16.65 -7.63
C LEU A 283 -7.38 17.97 -8.37
N LEU A 284 -8.31 18.04 -9.34
CA LEU A 284 -8.37 19.12 -10.32
C LEU A 284 -9.57 20.00 -10.03
N GLU A 285 -9.30 21.24 -9.57
CA GLU A 285 -10.39 22.14 -9.21
C GLU A 285 -11.43 22.25 -10.32
N GLU A 286 -10.95 22.37 -11.56
CA GLU A 286 -11.76 22.74 -12.73
C GLU A 286 -12.16 21.55 -13.57
N TYR A 287 -11.76 20.34 -13.19
CA TYR A 287 -12.22 19.13 -13.86
C TYR A 287 -12.78 18.10 -12.90
N SER A 288 -12.74 18.35 -11.59
CA SER A 288 -13.34 17.42 -10.65
C SER A 288 -14.81 17.28 -11.01
N VAL A 289 -15.28 16.02 -11.07
CA VAL A 289 -16.68 15.79 -11.36
C VAL A 289 -17.53 16.25 -10.18
N LEU A 290 -16.96 16.19 -8.97
CA LEU A 290 -17.64 16.60 -7.74
C LEU A 290 -17.72 18.13 -7.58
N ASN A 291 -16.96 18.91 -8.35
CA ASN A 291 -17.18 20.34 -8.40
C ASN A 291 -18.21 20.70 -9.47
N LYS A 292 -18.21 19.97 -10.58
CA LYS A 292 -19.22 20.12 -11.62
C LYS A 292 -20.59 19.68 -11.11
N GLU A 311 -27.51 28.24 4.73
CA GLU A 311 -27.68 29.40 3.87
C GLU A 311 -28.49 30.48 4.58
N GLU A 312 -27.89 31.09 5.60
CA GLU A 312 -28.56 32.12 6.40
C GLU A 312 -28.12 33.55 6.03
N ILE A 313 -27.00 33.72 5.33
CA ILE A 313 -26.50 35.01 4.84
C ILE A 313 -25.42 34.80 3.78
N LYS A 314 -24.50 33.87 4.08
CA LYS A 314 -23.35 33.47 3.24
C LYS A 314 -23.12 32.01 3.60
N ALA A 315 -23.38 31.00 2.76
CA ALA A 315 -23.86 30.99 1.35
C ALA A 315 -22.73 31.22 0.36
N LYS A 316 -22.04 32.37 0.41
CA LYS A 316 -20.89 32.56 -0.47
C LYS A 316 -19.74 31.60 -0.11
N VAL A 317 -19.43 31.47 1.18
CA VAL A 317 -18.35 30.60 1.64
C VAL A 317 -18.58 29.16 1.21
N LYS A 318 -19.84 28.76 0.99
CA LYS A 318 -20.16 27.43 0.50
C LYS A 318 -19.76 27.28 -0.97
N ASN A 319 -18.78 28.08 -1.42
CA ASN A 319 -18.07 27.92 -2.69
C ASN A 319 -16.67 27.32 -2.51
N LYS A 320 -16.33 26.80 -1.33
CA LYS A 320 -14.98 26.29 -1.03
C LYS A 320 -14.88 24.84 -1.49
N LYS A 321 -14.35 24.63 -2.69
CA LYS A 321 -14.49 23.36 -3.39
C LYS A 321 -13.16 22.62 -3.51
N GLN A 322 -13.24 21.43 -4.10
CA GLN A 322 -12.11 20.54 -3.93
C GLN A 322 -11.13 20.70 -5.08
N GLY A 323 -9.98 20.11 -4.92
CA GLY A 323 -8.97 20.14 -5.93
C GLY A 323 -8.09 21.37 -5.84
N CYS A 324 -7.08 21.39 -6.70
CA CYS A 324 -6.08 22.42 -6.75
C CYS A 324 -6.19 23.21 -8.05
N LYS A 325 -5.92 24.52 -7.97
CA LYS A 325 -5.85 25.28 -9.21
C LYS A 325 -4.65 24.79 -10.03
N ASN A 326 -4.59 25.26 -11.28
CA ASN A 326 -3.69 24.69 -12.28
C ASN A 326 -2.23 24.82 -11.84
N GLU A 327 -1.87 25.96 -11.25
CA GLU A 327 -0.45 26.11 -10.91
C GLU A 327 -0.06 25.17 -9.77
N GLU A 328 -1.04 24.72 -9.01
CA GLU A 328 -0.73 23.78 -7.95
C GLU A 328 -0.61 22.37 -8.50
N VAL A 329 -1.47 21.99 -9.46
CA VAL A 329 -1.36 20.68 -10.07
C VAL A 329 0.01 20.51 -10.70
N LEU A 330 0.57 21.59 -11.18
CA LEU A 330 1.80 21.58 -11.94
C LEU A 330 2.99 21.37 -11.02
N ALA A 331 2.91 21.96 -9.83
CA ALA A 331 3.99 21.78 -8.87
C ALA A 331 4.02 20.36 -8.32
N VAL A 332 2.84 19.75 -8.15
CA VAL A 332 2.70 18.38 -7.73
C VAL A 332 3.19 17.44 -8.82
N LEU A 333 2.88 17.77 -10.07
CA LEU A 333 3.51 17.06 -11.17
C LEU A 333 5.02 17.27 -11.17
N GLY A 334 5.47 18.49 -10.93
CA GLY A 334 6.91 18.70 -10.78
C GLY A 334 7.52 17.71 -9.80
N HIS A 335 6.88 17.56 -8.63
CA HIS A 335 7.32 16.58 -7.64
C HIS A 335 7.31 15.18 -8.19
N GLU A 336 6.18 14.74 -8.74
CA GLU A 336 6.10 13.40 -9.27
C GLU A 336 7.21 13.14 -10.30
N LEU A 337 7.40 14.07 -11.23
CA LEU A 337 8.48 13.93 -12.20
C LEU A 337 9.84 13.92 -11.56
N GLY A 338 9.99 14.48 -10.38
CA GLY A 338 11.24 14.31 -9.65
C GLY A 338 11.55 12.86 -9.33
N HIS A 339 10.53 12.05 -9.05
CA HIS A 339 10.78 10.64 -8.80
C HIS A 339 11.37 9.99 -10.05
N TRP A 340 11.05 10.52 -11.23
CA TRP A 340 11.57 9.99 -12.48
C TRP A 340 12.99 10.50 -12.74
N LYS A 341 13.18 11.82 -12.72
CA LYS A 341 14.49 12.38 -13.00
C LYS A 341 15.54 11.90 -12.03
N LEU A 342 15.19 11.76 -10.76
CA LEU A 342 16.18 11.35 -9.77
C LEU A 342 16.37 9.83 -9.72
N GLY A 343 15.62 9.08 -10.52
CA GLY A 343 15.80 7.65 -10.62
C GLY A 343 15.29 6.87 -9.44
N HIS A 344 14.37 7.46 -8.66
CA HIS A 344 13.82 6.77 -7.49
C HIS A 344 13.08 5.52 -7.89
N THR A 345 12.34 5.58 -8.99
CA THR A 345 11.59 4.41 -9.43
C THR A 345 12.52 3.28 -9.81
N VAL A 346 13.69 3.61 -10.35
CA VAL A 346 14.60 2.56 -10.77
C VAL A 346 15.26 1.94 -9.55
N LYS A 347 15.57 2.79 -8.57
CA LYS A 347 16.13 2.31 -7.31
C LYS A 347 15.16 1.38 -6.60
N ASN A 348 13.86 1.72 -6.59
CA ASN A 348 12.88 0.83 -5.96
C ASN A 348 12.78 -0.51 -6.65
N ILE A 349 12.86 -0.51 -7.99
CA ILE A 349 12.77 -1.77 -8.74
C ILE A 349 13.98 -2.64 -8.42
N ILE A 350 15.17 -2.03 -8.39
CA ILE A 350 16.36 -2.79 -8.09
C ILE A 350 16.32 -3.33 -6.68
N ILE A 351 15.86 -2.52 -5.72
CA ILE A 351 15.78 -3.02 -4.35
C ILE A 351 14.86 -4.22 -4.30
N SER A 352 13.70 -4.13 -4.94
CA SER A 352 12.73 -5.22 -4.82
C SER A 352 13.23 -6.50 -5.45
N GLN A 353 13.99 -6.39 -6.54
CA GLN A 353 14.50 -7.63 -7.18
C GLN A 353 15.72 -8.18 -6.46
N MET A 354 16.56 -7.33 -5.87
CA MET A 354 17.63 -7.86 -5.03
C MET A 354 17.04 -8.56 -3.82
N ASN A 355 16.02 -7.96 -3.22
CA ASN A 355 15.36 -8.59 -2.09
C ASN A 355 14.73 -9.90 -2.51
N SER A 356 14.11 -9.92 -3.68
CA SER A 356 13.49 -11.16 -4.16
C SER A 356 14.55 -12.23 -4.38
N PHE A 357 15.72 -11.83 -4.87
CA PHE A 357 16.79 -12.79 -5.08
C PHE A 357 17.26 -13.36 -3.75
N LEU A 358 17.41 -12.52 -2.76
CA LEU A 358 17.94 -12.93 -1.48
C LEU A 358 16.99 -13.91 -0.78
N CYS A 359 15.69 -13.62 -0.85
CA CYS A 359 14.71 -14.50 -0.23
C CYS A 359 14.60 -15.85 -0.92
N PHE A 360 14.69 -15.88 -2.27
CA PHE A 360 14.65 -17.18 -2.96
C PHE A 360 15.90 -17.98 -2.63
N PHE A 361 17.05 -17.31 -2.52
CA PHE A 361 18.26 -18.02 -2.11
C PHE A 361 18.08 -18.63 -0.71
N LEU A 362 17.64 -17.83 0.26
CA LEU A 362 17.48 -18.34 1.62
C LEU A 362 16.38 -19.37 1.69
N PHE A 363 15.33 -19.20 0.89
CA PHE A 363 14.33 -20.27 0.80
C PHE A 363 15.00 -21.58 0.38
N ALA A 364 15.93 -21.51 -0.58
CA ALA A 364 16.61 -22.70 -1.04
C ALA A 364 17.43 -23.34 0.07
N VAL A 365 18.17 -22.52 0.83
CA VAL A 365 18.86 -23.00 2.01
C VAL A 365 17.90 -23.69 2.99
N LEU A 366 16.73 -23.11 3.24
CA LEU A 366 15.92 -23.57 4.36
C LEU A 366 14.89 -24.61 4.01
N ILE A 367 14.61 -24.83 2.73
CA ILE A 367 13.40 -25.59 2.47
C ILE A 367 13.55 -27.08 2.68
N GLY A 368 14.78 -27.59 2.75
CA GLY A 368 14.97 -28.98 3.17
C GLY A 368 14.78 -29.23 4.67
N ARG A 369 14.65 -28.19 5.51
CA ARG A 369 14.61 -28.41 6.97
C ARG A 369 13.20 -28.85 7.37
N LYS A 370 13.02 -30.14 7.56
CA LYS A 370 11.71 -30.71 7.90
C LYS A 370 11.17 -30.23 9.24
N GLU A 371 12.01 -29.68 10.11
CA GLU A 371 11.50 -29.14 11.37
C GLU A 371 10.66 -27.88 11.15
N LEU A 372 10.92 -27.14 10.05
CA LEU A 372 10.17 -25.91 9.77
C LEU A 372 8.71 -26.23 9.49
N PHE A 373 8.49 -27.33 8.79
CA PHE A 373 7.16 -27.82 8.49
C PHE A 373 6.48 -28.38 9.71
N ALA A 374 7.22 -29.10 10.53
CA ALA A 374 6.60 -29.76 11.66
C ALA A 374 6.13 -28.70 12.66
N ALA A 375 6.91 -27.62 12.80
CA ALA A 375 6.48 -26.49 13.61
C ALA A 375 5.05 -26.12 13.34
N PHE A 376 4.57 -26.24 12.10
CA PHE A 376 3.24 -25.74 11.76
C PHE A 376 2.25 -26.83 11.41
N GLY A 377 2.46 -28.03 11.94
CA GLY A 377 1.48 -29.08 11.78
C GLY A 377 1.58 -29.89 10.49
N PHE A 378 2.71 -29.80 9.76
CA PHE A 378 2.90 -30.63 8.54
C PHE A 378 3.91 -31.73 8.88
N TYR A 379 3.36 -32.88 9.28
CA TYR A 379 4.21 -33.98 9.71
C TYR A 379 4.47 -34.97 8.58
N ASP A 380 3.42 -35.41 7.89
CA ASP A 380 3.53 -36.47 6.90
C ASP A 380 3.96 -36.00 5.51
N SER A 381 4.04 -34.69 5.26
CA SER A 381 4.31 -34.15 3.94
C SER A 381 4.91 -32.75 4.06
N GLN A 382 5.57 -32.32 2.98
CA GLN A 382 6.24 -31.03 2.94
C GLN A 382 5.90 -30.30 1.64
N PRO A 383 4.63 -29.93 1.46
CA PRO A 383 4.23 -29.30 0.20
C PRO A 383 5.02 -28.01 -0.07
N THR A 384 5.40 -27.84 -1.32
CA THR A 384 6.23 -26.71 -1.72
C THR A 384 5.60 -25.38 -1.35
N LEU A 385 4.28 -25.25 -1.56
CA LEU A 385 3.60 -24.00 -1.34
C LEU A 385 3.55 -23.66 0.15
N ILE A 386 3.22 -24.68 0.96
CA ILE A 386 3.28 -24.56 2.40
C ILE A 386 4.68 -24.11 2.81
N GLY A 387 5.69 -24.69 2.18
CA GLY A 387 7.06 -24.22 2.42
C GLY A 387 7.22 -22.74 2.15
N LEU A 388 6.72 -22.24 1.01
CA LEU A 388 6.86 -20.82 0.71
C LEU A 388 6.16 -19.99 1.77
N LEU A 389 4.93 -20.38 2.10
CA LEU A 389 4.15 -19.72 3.12
C LEU A 389 4.91 -19.58 4.45
N ILE A 390 5.49 -20.69 4.93
CA ILE A 390 6.12 -20.71 6.24
C ILE A 390 7.38 -19.88 6.24
N ILE A 391 8.20 -20.04 5.22
CA ILE A 391 9.50 -19.36 5.19
C ILE A 391 9.33 -17.87 4.90
N PHE A 392 8.57 -17.51 3.87
CA PHE A 392 8.45 -16.11 3.47
C PHE A 392 7.66 -15.28 4.49
N GLN A 393 6.54 -15.81 5.01
CA GLN A 393 5.68 -15.11 5.96
C GLN A 393 6.07 -15.28 7.43
N PHE A 394 6.46 -16.48 7.88
CA PHE A 394 6.75 -16.73 9.32
C PHE A 394 8.24 -16.58 9.62
N ILE A 395 9.06 -17.42 9.00
CA ILE A 395 10.49 -17.46 9.29
C ILE A 395 11.16 -16.14 8.93
N PHE A 396 10.82 -15.56 7.77
CA PHE A 396 11.45 -14.30 7.37
C PHE A 396 10.87 -13.06 8.09
N SER A 397 9.83 -13.21 8.94
CA SER A 397 9.17 -12.19 9.79
C SER A 397 10.08 -11.04 10.27
N PRO A 398 11.14 -11.32 11.04
CA PRO A 398 12.01 -10.22 11.49
C PRO A 398 12.69 -9.47 10.37
N TYR A 399 13.17 -10.16 9.36
CA TYR A 399 13.75 -9.47 8.23
C TYR A 399 12.71 -8.62 7.49
N ASN A 400 11.52 -9.18 7.27
CA ASN A 400 10.45 -8.42 6.63
C ASN A 400 10.15 -7.14 7.39
N GLU A 401 10.15 -7.19 8.73
CA GLU A 401 9.86 -5.99 9.51
C GLU A 401 10.98 -4.99 9.40
N VAL A 402 12.22 -5.44 9.55
CA VAL A 402 13.33 -4.49 9.44
C VAL A 402 13.33 -3.85 8.06
N LEU A 403 13.15 -4.65 7.00
CA LEU A 403 13.16 -4.09 5.65
C LEU A 403 12.00 -3.13 5.44
N SER A 404 10.77 -3.46 5.88
CA SER A 404 9.68 -2.51 5.74
C SER A 404 10.09 -1.19 6.35
N PHE A 405 10.63 -1.25 7.56
CA PHE A 405 11.02 -0.02 8.22
C PHE A 405 12.10 0.70 7.43
N CYS A 406 13.08 -0.02 6.90
CA CYS A 406 14.12 0.63 6.11
C CYS A 406 13.54 1.27 4.87
N LEU A 407 12.57 0.62 4.22
CA LEU A 407 11.99 1.20 3.03
C LEU A 407 11.18 2.44 3.36
N THR A 408 10.60 2.49 4.56
CA THR A 408 9.83 3.65 4.99
C THR A 408 10.72 4.87 5.18
N VAL A 409 11.89 4.66 5.80
CA VAL A 409 12.85 5.76 5.95
C VAL A 409 13.33 6.24 4.59
N LEU A 410 13.67 5.30 3.70
CA LEU A 410 14.12 5.66 2.36
C LEU A 410 13.06 6.48 1.62
N SER A 411 11.83 6.00 1.67
CA SER A 411 10.69 6.68 1.08
C SER A 411 10.59 8.14 1.53
N ARG A 412 10.69 8.38 2.84
CA ARG A 412 10.70 9.74 3.35
C ARG A 412 11.82 10.56 2.71
N ARG A 413 13.00 9.96 2.56
CA ARG A 413 14.12 10.66 1.94
C ARG A 413 13.82 11.01 0.47
N PHE A 414 13.22 10.07 -0.26
CA PHE A 414 12.87 10.34 -1.65
C PHE A 414 11.83 11.44 -1.77
N GLU A 415 10.90 11.49 -0.82
CA GLU A 415 9.88 12.54 -0.88
C GLU A 415 10.50 13.91 -0.69
N PHE A 416 11.42 14.07 0.26
CA PHE A 416 12.07 15.37 0.42
C PHE A 416 12.84 15.73 -0.86
N GLN A 417 13.42 14.73 -1.52
CA GLN A 417 14.19 14.97 -2.73
C GLN A 417 13.29 15.37 -3.90
N ALA A 418 12.13 14.75 -4.00
CA ALA A 418 11.19 15.14 -5.03
C ALA A 418 10.65 16.55 -4.78
N ASP A 419 10.26 16.88 -3.54
CA ASP A 419 9.93 18.27 -3.20
C ASP A 419 11.02 19.23 -3.64
N ALA A 420 12.27 18.89 -3.35
CA ALA A 420 13.40 19.74 -3.68
C ALA A 420 13.59 19.90 -5.19
N PHE A 421 13.25 18.86 -5.96
CA PHE A 421 13.31 18.94 -7.41
C PHE A 421 12.27 19.92 -7.93
N ALA A 422 11.07 19.92 -7.34
CA ALA A 422 10.07 20.92 -7.72
C ALA A 422 10.52 22.32 -7.32
N LYS A 423 11.17 22.47 -6.17
CA LYS A 423 11.80 23.74 -5.84
C LYS A 423 12.76 24.18 -6.94
N LYS A 424 13.55 23.24 -7.45
CA LYS A 424 14.58 23.53 -8.44
C LYS A 424 13.96 23.91 -9.78
N LEU A 425 12.81 23.34 -10.12
CA LEU A 425 12.05 23.78 -11.26
C LEU A 425 11.44 25.16 -11.09
N GLY A 426 11.55 25.76 -9.91
CA GLY A 426 10.94 27.05 -9.66
C GLY A 426 9.52 27.01 -9.11
N LYS A 427 9.10 25.93 -8.44
CA LYS A 427 7.69 25.76 -8.11
C LYS A 427 7.46 25.56 -6.62
N ALA A 428 8.41 25.98 -5.79
CA ALA A 428 8.30 25.78 -4.34
C ALA A 428 7.05 26.45 -3.80
N LYS A 429 6.80 27.71 -4.18
CA LYS A 429 5.63 28.43 -3.67
C LYS A 429 4.34 27.70 -4.03
N ASP A 430 4.23 27.19 -5.24
CA ASP A 430 3.01 26.51 -5.63
C ASP A 430 2.89 25.13 -4.99
N LEU A 431 4.03 24.47 -4.75
CA LEU A 431 3.97 23.18 -4.08
C LEU A 431 3.59 23.36 -2.62
N TYR A 432 4.16 24.35 -1.97
CA TYR A 432 3.76 24.72 -0.61
C TYR A 432 2.25 24.86 -0.53
N SER A 433 1.69 25.68 -1.39
CA SER A 433 0.25 25.89 -1.46
C SER A 433 -0.51 24.58 -1.73
N ALA A 434 0.00 23.80 -2.69
CA ALA A 434 -0.65 22.56 -3.08
C ALA A 434 -0.75 21.59 -1.90
N LEU A 435 0.34 21.43 -1.16
CA LEU A 435 0.31 20.47 -0.06
C LEU A 435 -0.67 20.90 1.03
N ILE A 436 -0.85 22.20 1.24
CA ILE A 436 -1.79 22.64 2.26
C ILE A 436 -3.21 22.32 1.83
N LYS A 437 -3.54 22.59 0.56
CA LYS A 437 -4.90 22.39 0.07
C LYS A 437 -5.28 20.90 -0.02
N LEU A 438 -4.34 20.06 -0.40
CA LEU A 438 -4.62 18.62 -0.41
C LEU A 438 -4.74 18.08 1.00
N ASN A 439 -3.93 18.59 1.91
CA ASN A 439 -4.10 18.20 3.31
C ASN A 439 -5.50 18.53 3.81
N LYS A 440 -6.03 19.70 3.42
CA LYS A 440 -7.39 20.11 3.77
C LYS A 440 -8.49 19.28 3.07
N ASP A 441 -8.40 19.10 1.75
CA ASP A 441 -9.41 18.29 1.07
C ASP A 441 -9.46 16.85 1.63
N ASN A 442 -8.32 16.29 2.04
CA ASN A 442 -8.28 14.91 2.53
C ASN A 442 -8.37 14.82 4.05
N LEU A 443 -8.50 15.96 4.75
CA LEU A 443 -8.64 16.03 6.21
C LEU A 443 -7.46 15.38 6.92
N GLY A 444 -6.25 15.66 6.43
CA GLY A 444 -5.07 15.26 7.17
C GLY A 444 -4.89 16.07 8.44
N PHE A 445 -4.52 15.39 9.53
CA PHE A 445 -4.24 16.05 10.80
C PHE A 445 -2.74 16.35 10.90
N PRO A 446 -2.30 17.60 10.95
CA PRO A 446 -0.87 17.86 10.74
C PRO A 446 -0.04 17.92 12.00
N VAL A 447 -0.45 17.25 13.05
CA VAL A 447 0.44 17.00 14.18
C VAL A 447 0.46 15.50 14.43
N SER A 448 1.66 14.99 14.66
CA SER A 448 1.81 13.56 14.81
C SER A 448 2.80 13.29 15.95
N ASP A 449 2.67 12.12 16.57
CA ASP A 449 3.69 11.69 17.48
C ASP A 449 4.97 11.35 16.73
N TRP A 450 6.11 11.75 17.27
CA TRP A 450 7.34 11.58 16.53
C TRP A 450 7.72 10.12 16.37
N LEU A 451 7.35 9.26 17.32
CA LEU A 451 7.72 7.86 17.24
C LEU A 451 6.82 7.11 16.26
N PHE A 452 5.50 7.36 16.35
CA PHE A 452 4.55 6.76 15.43
C PHE A 452 4.89 7.15 13.99
N SER A 453 5.23 8.41 13.76
CA SER A 453 5.47 8.89 12.41
C SER A 453 6.80 8.35 11.88
N MET A 454 7.81 8.21 12.75
CA MET A 454 9.06 7.56 12.35
C MET A 454 8.82 6.12 11.90
N TRP A 455 7.98 5.38 12.61
CA TRP A 455 7.76 3.98 12.29
C TRP A 455 6.90 3.82 11.05
N HIS A 456 5.91 4.70 10.87
CA HIS A 456 4.84 4.40 9.92
C HIS A 456 4.79 5.27 8.67
N TYR A 457 5.26 6.51 8.70
CA TYR A 457 4.93 7.49 7.65
C TYR A 457 5.90 7.36 6.50
N SER A 458 5.38 7.02 5.34
CA SER A 458 6.20 6.98 4.13
C SER A 458 6.40 8.34 3.51
N HIS A 459 5.56 9.30 3.87
CA HIS A 459 5.73 10.70 3.52
C HIS A 459 6.02 11.47 4.79
N PRO A 460 7.00 12.39 4.79
CA PRO A 460 7.26 13.14 6.01
C PRO A 460 6.11 14.04 6.35
N PRO A 461 5.89 14.31 7.65
CA PRO A 461 4.77 15.19 8.03
C PRO A 461 4.75 16.48 7.23
N LEU A 462 3.52 16.96 7.02
CA LEU A 462 3.28 18.14 6.22
C LEU A 462 4.15 19.32 6.65
N LEU A 463 4.26 19.57 7.95
CA LEU A 463 5.00 20.74 8.42
C LEU A 463 6.48 20.64 8.08
N GLU A 464 7.05 19.45 8.17
CA GLU A 464 8.43 19.21 7.78
C GLU A 464 8.63 19.44 6.29
N ARG A 465 7.60 19.13 5.48
CA ARG A 465 7.71 19.36 4.05
C ARG A 465 7.61 20.85 3.72
N LEU A 466 6.71 21.57 4.41
CA LEU A 466 6.59 23.01 4.20
C LEU A 466 7.86 23.76 4.63
N GLN A 467 8.44 23.40 5.76
CA GLN A 467 9.68 24.06 6.20
C GLN A 467 10.78 23.88 5.16
N ALA A 468 10.88 22.68 4.59
CA ALA A 468 11.93 22.38 3.61
C ALA A 468 11.73 23.18 2.33
N LEU A 469 10.48 23.41 1.93
CA LEU A 469 10.24 24.18 0.73
C LEU A 469 10.53 25.67 0.92
N LYS A 470 10.74 26.14 2.17
CA LYS A 470 11.01 27.55 2.43
C LYS A 470 12.49 27.93 2.32
N THR A 471 13.42 26.97 2.46
CA THR A 471 14.85 27.25 2.49
C THR A 471 15.40 27.90 1.21
N MET A 472 16.70 28.20 1.21
CA MET A 472 17.37 29.03 0.20
C MET A 472 17.56 28.26 -1.10
N LYS A 473 18.44 28.76 -1.99
CA LYS A 473 18.65 28.11 -3.28
C LYS A 473 20.13 27.80 -3.54
N GLN A 474 20.71 28.32 -4.62
CA GLN A 474 21.92 27.69 -5.16
C GLN A 474 22.98 28.69 -5.59
N SER A 475 24.23 28.38 -5.23
CA SER A 475 25.40 29.03 -5.79
C SER A 475 26.35 27.94 -6.29
N GLY A 476 27.63 28.06 -5.96
CA GLY A 476 28.53 26.95 -6.19
C GLY A 476 28.22 25.79 -5.27
N LEU A 477 28.09 26.06 -3.98
CA LEU A 477 27.83 25.04 -2.98
C LEU A 477 28.93 23.97 -3.00
N GLU A 478 30.05 24.27 -3.67
CA GLU A 478 31.26 23.46 -3.80
C GLU A 478 32.08 23.43 -2.51
N VAL A 479 31.41 23.41 -1.39
CA VAL A 479 32.11 23.25 -0.13
C VAL A 479 31.86 21.79 0.21
N LEU A 480 32.06 20.94 -0.81
CA LEU A 480 31.43 19.62 -0.97
C LEU A 480 30.33 19.36 0.05
#